data_7XI5
#
_entry.id   7XI5
#
_cell.length_a   109.920
_cell.length_b   109.920
_cell.length_c   60.740
_cell.angle_alpha   90.000
_cell.angle_beta   90.000
_cell.angle_gamma   90.000
#
_symmetry.space_group_name_H-M   'P 41 21 2'
#
loop_
_entity.id
_entity.type
_entity.pdbx_description
1 polymer 'Transcriptional regulator'
2 water water
#
_entity_poly.entity_id   1
_entity_poly.type   'polypeptide(L)'
_entity_poly.pdbx_seq_one_letter_code
;MSSATPDPAEILTARKAVGLSQTAAAALVHSSLRTWQQWEAGDRRMHPGLWELFLLKTQLPSPSS
;
_entity_poly.pdbx_strand_id   A,B,C,D
#
# COMPACT_ATOMS: atom_id res chain seq x y z
N SER A 3 -10.29 -10.38 0.90
CA SER A 3 -9.26 -11.41 1.06
C SER A 3 -9.52 -12.24 2.33
N ALA A 4 -9.40 -13.56 2.23
CA ALA A 4 -9.78 -14.45 3.32
C ALA A 4 -8.62 -14.65 4.28
N THR A 5 -8.91 -14.53 5.60
CA THR A 5 -7.84 -14.92 6.52
C THR A 5 -7.80 -16.44 6.63
N PRO A 6 -6.62 -17.02 6.78
CA PRO A 6 -6.54 -18.48 6.91
C PRO A 6 -7.16 -18.97 8.21
N ASP A 7 -7.64 -20.22 8.19
CA ASP A 7 -8.12 -20.80 9.44
C ASP A 7 -6.94 -21.13 10.33
N PRO A 8 -7.09 -21.06 11.65
CA PRO A 8 -5.97 -21.48 12.53
C PRO A 8 -5.43 -22.86 12.23
N ALA A 9 -6.32 -23.83 11.91
CA ALA A 9 -5.84 -25.16 11.60
C ALA A 9 -5.04 -25.19 10.30
N GLU A 10 -5.41 -24.36 9.31
CA GLU A 10 -4.62 -24.25 8.09
C GLU A 10 -3.24 -23.69 8.38
N ILE A 11 -3.16 -22.67 9.25
CA ILE A 11 -1.86 -22.09 9.61
C ILE A 11 -0.97 -23.16 10.22
N LEU A 12 -1.50 -23.87 11.23
CA LEU A 12 -0.71 -24.91 11.87
C LEU A 12 -0.31 -25.98 10.87
N THR A 13 -1.23 -26.42 9.99
CA THR A 13 -0.90 -27.47 9.02
C THR A 13 0.23 -27.02 8.08
N ALA A 14 0.17 -25.78 7.60
CA ALA A 14 1.20 -25.26 6.71
C ALA A 14 2.55 -25.15 7.40
N ARG A 15 2.56 -24.72 8.66
CA ARG A 15 3.82 -24.66 9.41
C ARG A 15 4.41 -26.05 9.61
N LYS A 16 3.57 -27.02 10.01
CA LYS A 16 4.03 -28.38 10.24
C LYS A 16 4.52 -29.02 8.94
N ALA A 17 3.91 -28.68 7.82
CA ALA A 17 4.29 -29.26 6.53
C ALA A 17 5.75 -28.98 6.16
N VAL A 18 6.29 -27.82 6.54
CA VAL A 18 7.68 -27.49 6.24
C VAL A 18 8.59 -27.67 7.46
N GLY A 19 8.08 -28.25 8.55
CA GLY A 19 8.89 -28.54 9.72
C GLY A 19 9.47 -27.33 10.43
N LEU A 20 8.72 -26.25 10.51
CA LEU A 20 9.21 -25.02 11.13
C LEU A 20 8.67 -24.88 12.55
N SER A 21 9.50 -24.35 13.44
CA SER A 21 9.00 -23.97 14.75
C SER A 21 8.12 -22.74 14.62
N GLN A 22 7.35 -22.48 15.68
CA GLN A 22 6.55 -21.26 15.71
C GLN A 22 7.45 -20.02 15.63
N THR A 23 8.62 -20.06 16.28
CA THR A 23 9.53 -18.92 16.22
C THR A 23 10.06 -18.70 14.82
N ALA A 24 10.44 -19.78 14.13
CA ALA A 24 10.95 -19.65 12.76
C ALA A 24 9.87 -19.10 11.83
N ALA A 25 8.63 -19.58 11.98
CA ALA A 25 7.53 -19.08 11.15
C ALA A 25 7.28 -17.58 11.40
N ALA A 26 7.24 -17.21 12.68
CA ALA A 26 7.04 -15.80 13.04
C ALA A 26 8.14 -14.94 12.44
N ALA A 27 9.40 -15.40 12.52
CA ALA A 27 10.48 -14.60 11.95
C ALA A 27 10.32 -14.44 10.45
N LEU A 28 9.86 -15.51 9.77
CA LEU A 28 9.67 -15.41 8.32
C LEU A 28 8.67 -14.32 7.95
N VAL A 29 7.68 -14.05 8.81
CA VAL A 29 6.74 -12.98 8.46
C VAL A 29 6.92 -11.74 9.34
N HIS A 30 8.14 -11.54 9.84
CA HIS A 30 8.48 -10.30 10.57
C HIS A 30 7.53 -10.05 11.75
N SER A 31 7.16 -11.13 12.46
CA SER A 31 6.24 -11.03 13.58
C SER A 31 6.87 -11.69 14.81
N SER A 32 6.24 -11.48 15.95
CA SER A 32 6.67 -12.05 17.23
C SER A 32 6.15 -13.47 17.40
N LEU A 33 6.83 -14.23 18.28
CA LEU A 33 6.35 -15.58 18.62
C LEU A 33 4.95 -15.53 19.21
N ARG A 34 4.70 -14.58 20.12
CA ARG A 34 3.36 -14.49 20.70
C ARG A 34 2.30 -14.24 19.63
N THR A 35 2.60 -13.41 18.64
CA THR A 35 1.63 -13.21 17.56
C THR A 35 1.35 -14.51 16.79
N TRP A 36 2.39 -15.26 16.43
CA TRP A 36 2.12 -16.51 15.73
C TRP A 36 1.29 -17.46 16.60
N GLN A 37 1.59 -17.51 17.92
CA GLN A 37 0.80 -18.35 18.80
C GLN A 37 -0.66 -17.89 18.86
N GLN A 38 -0.91 -16.57 18.86
CA GLN A 38 -2.28 -16.08 18.86
C GLN A 38 -3.00 -16.47 17.57
N TRP A 39 -2.29 -16.44 16.44
CA TRP A 39 -2.88 -16.86 15.17
C TRP A 39 -3.29 -18.32 15.23
N GLU A 40 -2.40 -19.19 15.72
CA GLU A 40 -2.74 -20.61 15.78
C GLU A 40 -3.83 -20.90 16.82
N ALA A 41 -3.94 -20.07 17.84
CA ALA A 41 -5.01 -20.25 18.81
C ALA A 41 -6.33 -19.64 18.34
N GLY A 42 -6.34 -18.87 17.27
CA GLY A 42 -7.56 -18.18 16.89
C GLY A 42 -7.85 -16.93 17.67
N ASP A 43 -6.91 -16.47 18.51
CA ASP A 43 -7.09 -15.26 19.31
C ASP A 43 -7.04 -14.00 18.46
N ARG A 44 -6.24 -14.01 17.40
CA ARG A 44 -6.14 -12.92 16.43
C ARG A 44 -6.21 -13.54 15.04
N ARG A 45 -6.68 -12.75 14.07
CA ARG A 45 -6.72 -13.20 12.68
C ARG A 45 -5.42 -12.83 11.98
N MET A 46 -4.90 -13.74 11.16
CA MET A 46 -3.66 -13.48 10.43
C MET A 46 -3.96 -12.66 9.19
N HIS A 47 -3.28 -11.52 9.04
CA HIS A 47 -3.48 -10.67 7.85
C HIS A 47 -3.27 -11.49 6.59
N PRO A 48 -4.17 -11.40 5.59
CA PRO A 48 -4.03 -12.22 4.37
C PRO A 48 -2.73 -12.00 3.65
N GLY A 49 -2.18 -10.79 3.71
CA GLY A 49 -0.89 -10.53 3.08
C GLY A 49 0.24 -11.26 3.78
N LEU A 50 0.20 -11.33 5.11
CA LEU A 50 1.22 -12.08 5.83
C LEU A 50 1.06 -13.58 5.57
N TRP A 51 -0.18 -14.06 5.44
CA TRP A 51 -0.39 -15.46 5.04
C TRP A 51 0.21 -15.74 3.66
N GLU A 52 -0.04 -14.85 2.69
CA GLU A 52 0.56 -15.03 1.37
C GLU A 52 2.09 -15.00 1.44
N LEU A 53 2.66 -14.09 2.24
CA LEU A 53 4.12 -14.06 2.37
C LEU A 53 4.66 -15.37 2.91
N PHE A 54 3.99 -15.92 3.93
CA PHE A 54 4.44 -17.17 4.52
C PHE A 54 4.43 -18.28 3.49
N LEU A 55 3.34 -18.38 2.72
CA LEU A 55 3.25 -19.43 1.71
C LEU A 55 4.31 -19.24 0.63
N LEU A 56 4.56 -18.00 0.23
CA LEU A 56 5.58 -17.74 -0.80
C LEU A 56 6.97 -18.13 -0.32
N LYS A 57 7.29 -17.81 0.94
CA LYS A 57 8.62 -18.09 1.47
C LYS A 57 8.82 -19.54 1.87
N THR A 58 7.75 -20.33 2.04
CA THR A 58 7.93 -21.72 2.42
C THR A 58 7.75 -22.71 1.28
N GLN A 59 7.31 -22.26 0.11
CA GLN A 59 7.15 -23.19 -1.01
C GLN A 59 8.12 -22.86 -2.15
N SER B 3 12.24 -5.66 12.79
CA SER B 3 12.33 -5.25 11.40
C SER B 3 11.83 -3.81 11.25
N ALA B 4 12.51 -3.03 10.43
CA ALA B 4 12.22 -1.60 10.28
C ALA B 4 11.10 -1.41 9.26
N THR B 5 10.18 -0.51 9.58
CA THR B 5 9.17 -0.20 8.58
C THR B 5 9.75 0.74 7.52
N PRO B 6 9.33 0.61 6.26
CA PRO B 6 9.88 1.48 5.21
C PRO B 6 9.48 2.92 5.44
N ASP B 7 10.31 3.85 4.92
CA ASP B 7 9.93 5.25 4.99
C ASP B 7 8.80 5.53 4.01
N PRO B 8 7.90 6.47 4.33
CA PRO B 8 6.86 6.84 3.35
C PRO B 8 7.43 7.14 1.98
N ALA B 9 8.59 7.83 1.93
CA ALA B 9 9.18 8.15 0.63
C ALA B 9 9.66 6.89 -0.10
N GLU B 10 10.14 5.87 0.63
CA GLU B 10 10.50 4.62 -0.03
C GLU B 10 9.28 3.92 -0.63
N ILE B 11 8.18 3.89 0.13
CA ILE B 11 6.96 3.26 -0.35
C ILE B 11 6.51 3.91 -1.65
N LEU B 12 6.42 5.26 -1.63
CA LEU B 12 6.03 5.98 -2.84
C LEU B 12 7.00 5.72 -3.98
N THR B 13 8.32 5.73 -3.72
CA THR B 13 9.28 5.53 -4.80
C THR B 13 9.10 4.15 -5.43
N ALA B 14 8.92 3.11 -4.59
CA ALA B 14 8.78 1.75 -5.12
C ALA B 14 7.50 1.59 -5.91
N ARG B 15 6.41 2.23 -5.47
CA ARG B 15 5.17 2.16 -6.23
C ARG B 15 5.32 2.85 -7.58
N LYS B 16 5.91 4.05 -7.61
CA LYS B 16 6.07 4.76 -8.89
C LYS B 16 7.01 4.00 -9.82
N ALA B 17 8.03 3.34 -9.27
CA ALA B 17 8.98 2.61 -10.09
C ALA B 17 8.33 1.52 -10.93
N VAL B 18 7.24 0.91 -10.45
CA VAL B 18 6.55 -0.11 -11.22
C VAL B 18 5.27 0.42 -11.88
N GLY B 19 5.02 1.72 -11.79
CA GLY B 19 3.88 2.34 -12.44
C GLY B 19 2.52 1.89 -11.94
N LEU B 20 2.40 1.65 -10.64
CA LEU B 20 1.15 1.15 -10.09
C LEU B 20 0.36 2.30 -9.48
N SER B 21 -0.96 2.24 -9.59
CA SER B 21 -1.79 3.14 -8.83
C SER B 21 -1.79 2.73 -7.37
N GLN B 22 -2.24 3.64 -6.50
CA GLN B 22 -2.37 3.31 -5.08
C GLN B 22 -3.34 2.16 -4.87
N THR B 23 -4.43 2.12 -5.65
CA THR B 23 -5.40 1.04 -5.51
C THR B 23 -4.80 -0.30 -5.92
N ALA B 24 -4.03 -0.32 -7.02
CA ALA B 24 -3.38 -1.56 -7.43
C ALA B 24 -2.36 -2.03 -6.40
N ALA B 25 -1.59 -1.10 -5.82
CA ALA B 25 -0.60 -1.48 -4.81
C ALA B 25 -1.29 -2.05 -3.58
N ALA B 26 -2.35 -1.37 -3.12
CA ALA B 26 -3.10 -1.86 -1.95
C ALA B 26 -3.65 -3.25 -2.21
N ALA B 27 -4.21 -3.48 -3.40
CA ALA B 27 -4.75 -4.80 -3.73
C ALA B 27 -3.66 -5.85 -3.69
N LEU B 28 -2.45 -5.49 -4.15
CA LEU B 28 -1.33 -6.42 -4.15
C LEU B 28 -0.97 -6.88 -2.74
N VAL B 29 -1.14 -6.04 -1.73
CA VAL B 29 -0.80 -6.51 -0.38
C VAL B 29 -2.06 -6.73 0.48
N HIS B 30 -3.19 -7.01 -0.16
CA HIS B 30 -4.43 -7.35 0.54
C HIS B 30 -4.85 -6.26 1.53
N SER B 31 -4.72 -5.00 1.15
CA SER B 31 -5.05 -3.88 2.02
C SER B 31 -6.00 -2.95 1.30
N SER B 32 -6.54 -2.00 2.05
CA SER B 32 -7.45 -1.01 1.50
C SER B 32 -6.69 0.15 0.86
N LEU B 33 -7.38 0.86 -0.03
CA LEU B 33 -6.79 2.06 -0.62
C LEU B 33 -6.43 3.08 0.46
N ARG B 34 -7.33 3.30 1.44
CA ARG B 34 -7.05 4.28 2.48
C ARG B 34 -5.81 3.90 3.29
N THR B 35 -5.62 2.61 3.57
CA THR B 35 -4.43 2.21 4.30
C THR B 35 -3.16 2.54 3.51
N TRP B 36 -3.15 2.24 2.20
CA TRP B 36 -1.98 2.60 1.40
C TRP B 36 -1.74 4.10 1.42
N GLN B 37 -2.81 4.89 1.34
CA GLN B 37 -2.67 6.35 1.41
C GLN B 37 -2.09 6.80 2.74
N GLN B 38 -2.53 6.17 3.84
CA GLN B 38 -1.99 6.49 5.15
C GLN B 38 -0.50 6.14 5.26
N TRP B 39 -0.10 5.02 4.66
CA TRP B 39 1.32 4.66 4.66
C TRP B 39 2.16 5.71 3.93
N GLU B 40 1.70 6.13 2.74
CA GLU B 40 2.48 7.12 1.97
C GLU B 40 2.44 8.50 2.63
N ALA B 41 1.41 8.79 3.42
CA ALA B 41 1.37 10.04 4.19
C ALA B 41 2.14 9.98 5.50
N GLY B 42 2.59 8.79 5.93
CA GLY B 42 3.24 8.66 7.22
C GLY B 42 2.30 8.61 8.40
N ASP B 43 0.99 8.55 8.16
CA ASP B 43 0.01 8.49 9.25
C ASP B 43 0.05 7.14 9.95
N ARG B 44 0.32 6.07 9.21
CA ARG B 44 0.47 4.74 9.77
C ARG B 44 1.75 4.14 9.22
N ARG B 45 2.35 3.25 9.98
CA ARG B 45 3.55 2.56 9.53
C ARG B 45 3.18 1.25 8.84
N MET B 46 3.85 0.96 7.73
CA MET B 46 3.58 -0.27 6.97
C MET B 46 4.33 -1.45 7.59
N HIS B 47 3.58 -2.51 7.91
CA HIS B 47 4.16 -3.71 8.52
C HIS B 47 5.30 -4.23 7.65
N PRO B 48 6.46 -4.57 8.23
CA PRO B 48 7.61 -4.99 7.41
C PRO B 48 7.33 -6.19 6.54
N GLY B 49 6.44 -7.09 6.99
CA GLY B 49 6.07 -8.22 6.16
C GLY B 49 5.28 -7.82 4.93
N LEU B 50 4.38 -6.85 5.06
CA LEU B 50 3.64 -6.36 3.89
C LEU B 50 4.58 -5.62 2.94
N TRP B 51 5.57 -4.90 3.48
CA TRP B 51 6.59 -4.29 2.62
C TRP B 51 7.38 -5.35 1.85
N GLU B 52 7.83 -6.42 2.54
CA GLU B 52 8.53 -7.47 1.82
C GLU B 52 7.64 -8.11 0.76
N LEU B 53 6.37 -8.35 1.09
CA LEU B 53 5.45 -8.91 0.10
C LEU B 53 5.33 -8.00 -1.12
N PHE B 54 5.21 -6.69 -0.91
CA PHE B 54 5.08 -5.78 -2.05
C PHE B 54 6.31 -5.86 -2.94
N LEU B 55 7.50 -5.87 -2.32
CA LEU B 55 8.72 -5.94 -3.11
C LEU B 55 8.81 -7.25 -3.87
N LEU B 56 8.43 -8.37 -3.23
CA LEU B 56 8.48 -9.65 -3.92
C LEU B 56 7.52 -9.71 -5.08
N LYS B 57 6.29 -9.20 -4.90
CA LYS B 57 5.28 -9.28 -5.96
C LYS B 57 5.47 -8.26 -7.06
N THR B 58 6.30 -7.23 -6.86
CA THR B 58 6.55 -6.27 -7.94
C THR B 58 7.85 -6.55 -8.70
N GLN B 59 8.68 -7.47 -8.21
CA GLN B 59 9.94 -7.79 -8.89
C GLN B 59 9.90 -9.23 -9.41
N SER C 3 -25.56 -1.04 4.84
CA SER C 3 -24.82 -1.98 4.00
C SER C 3 -23.46 -1.43 3.58
N ALA C 4 -22.42 -2.28 3.60
CA ALA C 4 -21.05 -1.82 3.39
C ALA C 4 -20.73 -1.75 1.90
N THR C 5 -20.16 -0.61 1.48
CA THR C 5 -19.67 -0.48 0.13
C THR C 5 -18.30 -1.14 0.00
N PRO C 6 -17.99 -1.73 -1.14
CA PRO C 6 -16.68 -2.38 -1.30
C PRO C 6 -15.56 -1.35 -1.29
N ASP C 7 -14.36 -1.81 -0.91
CA ASP C 7 -13.19 -0.97 -1.03
C ASP C 7 -12.77 -0.87 -2.49
N PRO C 8 -12.17 0.26 -2.92
CA PRO C 8 -11.63 0.31 -4.27
C PRO C 8 -10.73 -0.87 -4.62
N ALA C 9 -9.89 -1.31 -3.68
CA ALA C 9 -9.00 -2.44 -3.95
C ALA C 9 -9.79 -3.73 -4.16
N GLU C 10 -10.92 -3.90 -3.44
CA GLU C 10 -11.79 -5.05 -3.68
C GLU C 10 -12.40 -5.00 -5.07
N ILE C 11 -12.85 -3.82 -5.51
CA ILE C 11 -13.42 -3.67 -6.84
C ILE C 11 -12.40 -4.04 -7.91
N LEU C 12 -11.19 -3.47 -7.80
CA LEU C 12 -10.15 -3.79 -8.76
C LEU C 12 -9.86 -5.28 -8.77
N THR C 13 -9.75 -5.88 -7.57
CA THR C 13 -9.40 -7.30 -7.48
C THR C 13 -10.47 -8.16 -8.15
N ALA C 14 -11.75 -7.84 -7.93
CA ALA C 14 -12.82 -8.62 -8.54
C ALA C 14 -12.84 -8.47 -10.05
N ARG C 15 -12.63 -7.25 -10.56
CA ARG C 15 -12.58 -7.09 -12.01
C ARG C 15 -11.41 -7.86 -12.61
N LYS C 16 -10.24 -7.78 -11.96
CA LYS C 16 -9.06 -8.55 -12.38
C LYS C 16 -9.31 -10.04 -12.41
N ALA C 17 -9.99 -10.56 -11.39
CA ALA C 17 -10.17 -12.00 -11.29
C ALA C 17 -10.91 -12.57 -12.48
N VAL C 18 -11.85 -11.83 -13.08
CA VAL C 18 -12.59 -12.32 -14.23
C VAL C 18 -12.07 -11.75 -15.55
N GLY C 19 -10.95 -11.04 -15.52
CA GLY C 19 -10.29 -10.54 -16.74
C GLY C 19 -11.10 -9.57 -17.56
N LEU C 20 -11.84 -8.69 -16.91
CA LEU C 20 -12.72 -7.75 -17.61
C LEU C 20 -12.07 -6.38 -17.68
N SER C 21 -12.31 -5.69 -18.79
CA SER C 21 -11.91 -4.29 -18.86
C SER C 21 -12.82 -3.44 -17.97
N GLN C 22 -12.36 -2.23 -17.67
CA GLN C 22 -13.19 -1.31 -16.89
C GLN C 22 -14.52 -1.03 -17.60
N THR C 23 -14.48 -0.90 -18.93
CA THR C 23 -15.70 -0.64 -19.68
C THR C 23 -16.66 -1.83 -19.63
N ALA C 24 -16.15 -3.05 -19.83
CA ALA C 24 -17.02 -4.22 -19.81
C ALA C 24 -17.62 -4.43 -18.42
N ALA C 25 -16.80 -4.22 -17.38
CA ALA C 25 -17.29 -4.36 -16.02
C ALA C 25 -18.38 -3.34 -15.73
N ALA C 26 -18.16 -2.09 -16.14
CA ALA C 26 -19.17 -1.05 -15.94
C ALA C 26 -20.47 -1.37 -16.67
N ALA C 27 -20.37 -1.87 -17.90
CA ALA C 27 -21.57 -2.22 -18.66
C ALA C 27 -22.39 -3.27 -17.93
N LEU C 28 -21.73 -4.23 -17.26
CA LEU C 28 -22.48 -5.23 -16.51
C LEU C 28 -23.38 -4.60 -15.44
N VAL C 29 -22.99 -3.46 -14.87
CA VAL C 29 -23.83 -2.85 -13.84
C VAL C 29 -24.47 -1.56 -14.34
N HIS C 30 -24.70 -1.47 -15.65
CA HIS C 30 -25.42 -0.35 -16.25
C HIS C 30 -24.74 0.99 -15.93
N SER C 31 -23.41 1.01 -15.98
CA SER C 31 -22.66 2.21 -15.61
C SER C 31 -21.64 2.56 -16.69
N SER C 32 -21.12 3.79 -16.61
CA SER C 32 -20.13 4.30 -17.55
C SER C 32 -18.70 3.91 -17.15
N LEU C 33 -17.80 4.00 -18.12
CA LEU C 33 -16.38 3.82 -17.84
C LEU C 33 -15.90 4.85 -16.82
N ARG C 34 -16.33 6.10 -16.96
CA ARG C 34 -15.90 7.14 -16.04
C ARG C 34 -16.32 6.82 -14.59
N THR C 35 -17.53 6.30 -14.41
CA THR C 35 -18.00 5.92 -13.08
C THR C 35 -17.16 4.78 -12.50
N TRP C 36 -16.88 3.74 -13.30
CA TRP C 36 -16.05 2.65 -12.80
C TRP C 36 -14.66 3.15 -12.41
N GLN C 37 -14.09 4.05 -13.22
CA GLN C 37 -12.78 4.62 -12.87
C GLN C 37 -12.86 5.40 -11.57
N GLN C 38 -13.95 6.15 -11.35
CA GLN C 38 -14.10 6.85 -10.07
C GLN C 38 -14.20 5.87 -8.90
N TRP C 39 -14.89 4.75 -9.11
CA TRP C 39 -14.98 3.74 -8.05
C TRP C 39 -13.60 3.17 -7.71
N GLU C 40 -12.84 2.77 -8.74
CA GLU C 40 -11.52 2.20 -8.48
C GLU C 40 -10.53 3.23 -7.95
N ALA C 41 -10.76 4.51 -8.22
CA ALA C 41 -9.93 5.57 -7.65
C ALA C 41 -10.34 5.99 -6.25
N GLY C 42 -11.49 5.55 -5.76
CA GLY C 42 -11.97 6.01 -4.46
C GLY C 42 -12.66 7.36 -4.48
N ASP C 43 -12.87 7.94 -5.66
CA ASP C 43 -13.52 9.25 -5.76
C ASP C 43 -15.00 9.18 -5.44
N ARG C 44 -15.64 8.08 -5.81
CA ARG C 44 -17.05 7.86 -5.52
C ARG C 44 -17.19 6.45 -4.96
N ARG C 45 -18.20 6.25 -4.12
CA ARG C 45 -18.44 4.92 -3.56
C ARG C 45 -19.48 4.16 -4.36
N MET C 46 -19.21 2.87 -4.54
CA MET C 46 -20.07 1.99 -5.32
C MET C 46 -21.23 1.54 -4.46
N HIS C 47 -22.46 1.77 -4.93
CA HIS C 47 -23.65 1.36 -4.19
C HIS C 47 -23.58 -0.13 -3.88
N PRO C 48 -23.89 -0.54 -2.64
CA PRO C 48 -23.78 -1.98 -2.29
C PRO C 48 -24.60 -2.88 -3.18
N GLY C 49 -25.74 -2.39 -3.67
CA GLY C 49 -26.54 -3.17 -4.60
C GLY C 49 -25.86 -3.38 -5.94
N LEU C 50 -25.17 -2.35 -6.45
CA LEU C 50 -24.44 -2.53 -7.70
C LEU C 50 -23.26 -3.48 -7.52
N TRP C 51 -22.59 -3.41 -6.36
CA TRP C 51 -21.53 -4.38 -6.04
C TRP C 51 -22.07 -5.81 -5.98
N GLU C 52 -23.20 -6.01 -5.31
CA GLU C 52 -23.79 -7.34 -5.28
C GLU C 52 -24.14 -7.82 -6.68
N LEU C 53 -24.71 -6.94 -7.51
CA LEU C 53 -25.03 -7.33 -8.87
C LEU C 53 -23.78 -7.73 -9.65
N PHE C 54 -22.70 -6.95 -9.53
CA PHE C 54 -21.47 -7.29 -10.23
C PHE C 54 -20.96 -8.67 -9.82
N LEU C 55 -20.99 -8.95 -8.50
CA LEU C 55 -20.51 -10.25 -8.03
C LEU C 55 -21.39 -11.39 -8.53
N LEU C 56 -22.71 -11.19 -8.52
CA LEU C 56 -23.61 -12.23 -9.04
C LEU C 56 -23.34 -12.49 -10.50
N LYS C 57 -23.09 -11.44 -11.27
CA LYS C 57 -22.88 -11.63 -12.69
C LYS C 57 -21.50 -12.18 -13.04
N THR C 58 -20.52 -12.07 -12.14
CA THR C 58 -19.18 -12.56 -12.44
C THR C 58 -18.72 -13.81 -11.69
N GLN C 59 -19.41 -14.23 -10.64
CA GLN C 59 -18.96 -15.41 -9.88
C GLN C 59 -19.90 -16.58 -10.11
N SER D 3 27.72 28.28 -0.26
CA SER D 3 26.34 28.19 -0.76
C SER D 3 25.31 28.36 0.36
N ALA D 4 24.28 29.12 0.06
CA ALA D 4 23.24 29.46 1.03
C ALA D 4 22.13 28.42 0.98
N THR D 5 21.67 28.01 2.14
CA THR D 5 20.51 27.12 2.18
C THR D 5 19.22 27.91 1.94
N PRO D 6 18.22 27.29 1.31
CA PRO D 6 16.95 27.98 1.08
C PRO D 6 16.23 28.24 2.40
N ASP D 7 15.40 29.30 2.41
CA ASP D 7 14.55 29.56 3.56
C ASP D 7 13.33 28.63 3.54
N PRO D 8 12.81 28.26 4.74
CA PRO D 8 11.63 27.38 4.80
C PRO D 8 10.44 27.81 3.95
N ALA D 9 10.15 29.11 3.92
CA ALA D 9 9.02 29.58 3.12
C ALA D 9 9.28 29.36 1.64
N GLU D 10 10.55 29.48 1.22
CA GLU D 10 10.91 29.21 -0.16
C GLU D 10 10.66 27.74 -0.52
N ILE D 11 11.02 26.84 0.40
CA ILE D 11 10.81 25.41 0.18
C ILE D 11 9.33 25.10 0.03
N LEU D 12 8.52 25.62 0.96
CA LEU D 12 7.08 25.38 0.88
C LEU D 12 6.50 25.94 -0.41
N THR D 13 6.92 27.14 -0.80
CA THR D 13 6.39 27.73 -2.03
C THR D 13 6.74 26.90 -3.24
N ALA D 14 8.00 26.44 -3.33
CA ALA D 14 8.39 25.63 -4.49
C ALA D 14 7.65 24.30 -4.53
N ARG D 15 7.45 23.67 -3.37
CA ARG D 15 6.69 22.41 -3.36
C ARG D 15 5.24 22.64 -3.78
N LYS D 16 4.59 23.68 -3.23
CA LYS D 16 3.21 23.97 -3.61
C LYS D 16 3.07 24.36 -5.06
N ALA D 17 4.07 25.04 -5.62
CA ALA D 17 3.97 25.48 -7.00
C ALA D 17 3.74 24.31 -7.96
N VAL D 18 4.29 23.13 -7.65
CA VAL D 18 4.13 21.94 -8.48
C VAL D 18 3.09 20.98 -7.90
N GLY D 19 2.40 21.35 -6.83
CA GLY D 19 1.35 20.53 -6.26
C GLY D 19 1.81 19.19 -5.73
N LEU D 20 2.98 19.13 -5.09
CA LEU D 20 3.55 17.88 -4.61
C LEU D 20 3.28 17.73 -3.13
N SER D 21 3.03 16.48 -2.71
CA SER D 21 3.00 16.21 -1.28
C SER D 21 4.41 16.26 -0.72
N GLN D 22 4.49 16.37 0.61
CA GLN D 22 5.78 16.34 1.27
C GLN D 22 6.50 15.03 0.99
N THR D 23 5.76 13.92 0.93
CA THR D 23 6.37 12.62 0.64
C THR D 23 6.92 12.57 -0.78
N ALA D 24 6.18 13.08 -1.76
CA ALA D 24 6.67 13.05 -3.13
C ALA D 24 7.89 13.95 -3.28
N ALA D 25 7.88 15.10 -2.61
CA ALA D 25 9.04 16.01 -2.67
C ALA D 25 10.26 15.35 -2.06
N ALA D 26 10.08 14.72 -0.89
CA ALA D 26 11.19 14.03 -0.25
C ALA D 26 11.74 12.94 -1.16
N ALA D 27 10.85 12.18 -1.81
CA ALA D 27 11.32 11.12 -2.70
C ALA D 27 12.15 11.67 -3.85
N LEU D 28 11.75 12.83 -4.38
CA LEU D 28 12.48 13.43 -5.49
C LEU D 28 13.93 13.72 -5.14
N VAL D 29 14.21 14.07 -3.89
CA VAL D 29 15.59 14.35 -3.49
C VAL D 29 16.17 13.24 -2.61
N HIS D 30 15.65 12.02 -2.73
CA HIS D 30 16.23 10.84 -2.09
C HIS D 30 16.33 11.01 -0.58
N SER D 31 15.32 11.59 0.02
CA SER D 31 15.29 11.89 1.44
C SER D 31 14.03 11.31 2.06
N SER D 32 14.01 11.29 3.40
CA SER D 32 12.88 10.81 4.17
C SER D 32 11.80 11.89 4.31
N LEU D 33 10.57 11.45 4.57
CA LEU D 33 9.49 12.41 4.82
C LEU D 33 9.81 13.30 6.02
N ARG D 34 10.32 12.71 7.10
CA ARG D 34 10.62 13.50 8.30
C ARG D 34 11.65 14.59 7.99
N THR D 35 12.63 14.26 7.14
CA THR D 35 13.64 15.25 6.77
C THR D 35 13.03 16.42 6.02
N TRP D 36 12.14 16.15 5.06
CA TRP D 36 11.49 17.24 4.34
C TRP D 36 10.66 18.10 5.29
N GLN D 37 9.95 17.44 6.23
CA GLN D 37 9.17 18.21 7.19
C GLN D 37 10.06 19.09 8.06
N GLN D 38 11.21 18.57 8.47
CA GLN D 38 12.17 19.37 9.24
C GLN D 38 12.67 20.57 8.44
N TRP D 39 12.89 20.37 7.14
CA TRP D 39 13.28 21.49 6.29
C TRP D 39 12.19 22.55 6.24
N GLU D 40 10.94 22.15 6.01
CA GLU D 40 9.86 23.14 5.92
C GLU D 40 9.60 23.82 7.26
N ALA D 41 9.90 23.14 8.37
CA ALA D 41 9.74 23.74 9.69
C ALA D 41 10.92 24.61 10.10
N GLY D 42 12.03 24.58 9.36
CA GLY D 42 13.21 25.30 9.78
C GLY D 42 14.03 24.58 10.83
N ASP D 43 13.65 23.34 11.18
CA ASP D 43 14.38 22.61 12.20
C ASP D 43 15.78 22.22 11.72
N ARG D 44 15.92 21.94 10.43
CA ARG D 44 17.19 21.62 9.80
C ARG D 44 17.29 22.40 8.49
N ARG D 45 18.53 22.66 8.07
CA ARG D 45 18.75 23.41 6.84
C ARG D 45 18.93 22.44 5.68
N MET D 46 18.32 22.77 4.54
CA MET D 46 18.40 21.90 3.36
C MET D 46 19.73 22.10 2.62
N HIS D 47 20.45 21.01 2.39
CA HIS D 47 21.72 21.09 1.65
C HIS D 47 21.50 21.79 0.32
N PRO D 48 22.34 22.77 -0.05
CA PRO D 48 22.09 23.53 -1.31
C PRO D 48 22.07 22.65 -2.55
N GLY D 49 22.82 21.54 -2.54
CA GLY D 49 22.77 20.61 -3.65
C GLY D 49 21.43 19.90 -3.77
N LEU D 50 20.84 19.52 -2.63
CA LEU D 50 19.50 18.92 -2.65
C LEU D 50 18.44 19.93 -3.07
N TRP D 51 18.59 21.18 -2.65
CA TRP D 51 17.71 22.24 -3.10
C TRP D 51 17.79 22.43 -4.62
N GLU D 52 19.03 22.49 -5.16
CA GLU D 52 19.17 22.62 -6.61
C GLU D 52 18.55 21.43 -7.32
N LEU D 53 18.79 20.22 -6.79
CA LEU D 53 18.21 19.01 -7.40
C LEU D 53 16.70 19.10 -7.45
N PHE D 54 16.07 19.57 -6.36
CA PHE D 54 14.62 19.69 -6.35
C PHE D 54 14.14 20.65 -7.42
N LEU D 55 14.80 21.82 -7.51
CA LEU D 55 14.39 22.81 -8.51
C LEU D 55 14.59 22.28 -9.92
N LEU D 56 15.69 21.57 -10.16
CA LEU D 56 15.92 21.00 -11.49
C LEU D 56 14.88 19.95 -11.86
N LYS D 57 14.51 19.10 -10.91
CA LYS D 57 13.55 18.03 -11.21
C LYS D 57 12.10 18.51 -11.23
N THR D 58 11.79 19.69 -10.67
CA THR D 58 10.41 20.16 -10.67
C THR D 58 10.13 21.27 -11.69
N GLN D 59 11.13 21.85 -12.32
CA GLN D 59 10.93 22.97 -13.26
C GLN D 59 11.23 22.60 -14.71
#